data_2YZL
#
_entry.id   2YZL
#
_cell.length_a   82.310
_cell.length_b   82.310
_cell.length_c   85.210
_cell.angle_alpha   90.00
_cell.angle_beta   90.00
_cell.angle_gamma   90.00
#
_symmetry.space_group_name_H-M   'P 41 21 2'
#
loop_
_entity.id
_entity.type
_entity.pdbx_description
1 polymer 'Phosphoribosylaminoimidazole-succinocarboxamide synthase'
2 non-polymer 'SULFATE ION'
3 non-polymer "ADENOSINE-5'-DIPHOSPHATE"
4 water water
#
_entity_poly.entity_id   1
_entity_poly.type   'polypeptide(L)'
_entity_poly.pdbx_seq_one_letter_code
;MEIKLEEILKKQPLYSGKAKSIYEIDDDKVLIEFRDDITAGNGAKHDVKQGKGYLNALISSKLFEALEENGVKTHYIKYI
EPRYMIAKKVEIIPIEVIVRNIAAGSLCRRYPFEEGKELPFPIVQFDYKNDEYGDPMLNEDIAVALGLATREELNKIKEI
ALKVNEVLKKLFDEKGIILVDFKIEIGKDREGNLLVADEISPDTMRLWDKETRDVLDKDVFRKDLGDVIAKYRIVAERLG
LL
;
_entity_poly.pdbx_strand_id   A
#
loop_
_chem_comp.id
_chem_comp.type
_chem_comp.name
_chem_comp.formula
ADP non-polymer ADENOSINE-5'-DIPHOSPHATE 'C10 H15 N5 O10 P2'
SO4 non-polymer 'SULFATE ION' 'O4 S -2'
#
# COMPACT_ATOMS: atom_id res chain seq x y z
N LYS A 4 19.66 -8.37 -9.62
CA LYS A 4 21.01 -8.69 -10.18
C LYS A 4 20.96 -8.82 -11.70
N LEU A 5 21.71 -7.93 -12.35
CA LEU A 5 21.81 -7.79 -13.81
C LEU A 5 20.65 -6.86 -14.15
N GLU A 6 20.59 -5.77 -13.40
CA GLU A 6 19.57 -4.73 -13.48
C GLU A 6 19.06 -4.41 -14.89
N GLU A 7 19.76 -4.89 -15.92
CA GLU A 7 19.35 -4.65 -17.29
C GLU A 7 18.06 -5.44 -17.56
N ILE A 8 17.51 -6.05 -16.52
CA ILE A 8 16.25 -6.79 -16.61
C ILE A 8 15.21 -5.82 -17.16
N LEU A 9 15.46 -4.54 -16.93
CA LEU A 9 14.58 -3.47 -17.35
C LEU A 9 14.37 -3.43 -18.86
N LYS A 10 15.33 -3.92 -19.62
CA LYS A 10 15.24 -3.92 -21.07
C LYS A 10 14.18 -4.89 -21.59
N LYS A 11 13.71 -5.78 -20.73
CA LYS A 11 12.70 -6.76 -21.11
C LYS A 11 11.31 -6.11 -21.09
N GLN A 12 10.31 -6.85 -21.52
CA GLN A 12 8.95 -6.35 -21.52
C GLN A 12 8.28 -6.79 -20.23
N PRO A 13 7.76 -5.83 -19.45
CA PRO A 13 7.09 -6.08 -18.17
C PRO A 13 6.07 -7.18 -18.19
N LEU A 14 6.12 -8.06 -17.18
CA LEU A 14 5.15 -9.13 -17.08
C LEU A 14 3.80 -8.43 -17.00
N TYR A 15 3.74 -7.43 -16.14
CA TYR A 15 2.53 -6.64 -15.93
C TYR A 15 2.89 -5.18 -15.69
N SER A 16 2.08 -4.29 -16.24
CA SER A 16 2.28 -2.85 -16.07
C SER A 16 0.98 -2.24 -15.60
N GLY A 17 1.03 -1.51 -14.48
CA GLY A 17 -0.19 -0.90 -13.97
C GLY A 17 -0.14 0.61 -14.04
N LYS A 18 -0.99 1.27 -13.26
CA LYS A 18 -1.04 2.73 -13.25
C LYS A 18 0.11 3.39 -12.50
N ALA A 19 0.85 2.63 -11.70
CA ALA A 19 1.95 3.22 -10.94
C ALA A 19 3.27 2.46 -10.95
N LYS A 20 3.20 1.16 -11.23
CA LYS A 20 4.41 0.35 -11.24
C LYS A 20 4.47 -0.70 -12.35
N SER A 21 5.65 -1.25 -12.56
CA SER A 21 5.85 -2.29 -13.57
C SER A 21 6.52 -3.48 -12.92
N ILE A 22 5.98 -4.66 -13.23
CA ILE A 22 6.54 -5.90 -12.69
C ILE A 22 7.35 -6.59 -13.78
N TYR A 23 8.66 -6.72 -13.55
CA TYR A 23 9.56 -7.37 -14.50
C TYR A 23 9.93 -8.73 -13.95
N GLU A 24 10.11 -9.70 -14.84
CA GLU A 24 10.48 -11.03 -14.39
C GLU A 24 11.98 -11.16 -14.17
N ILE A 25 12.35 -11.86 -13.10
CA ILE A 25 13.75 -12.09 -12.81
C ILE A 25 13.95 -13.60 -12.97
N ASP A 26 13.06 -14.38 -12.36
CA ASP A 26 13.10 -15.83 -12.47
C ASP A 26 11.76 -16.45 -12.11
N ASP A 27 11.77 -17.68 -11.59
CA ASP A 27 10.54 -18.38 -11.22
C ASP A 27 9.86 -17.87 -9.95
N ASP A 28 10.64 -17.55 -8.93
CA ASP A 28 10.05 -17.07 -7.68
C ASP A 28 10.45 -15.65 -7.27
N LYS A 29 10.88 -14.83 -8.22
CA LYS A 29 11.27 -13.46 -7.89
C LYS A 29 10.99 -12.47 -9.03
N VAL A 30 10.62 -11.25 -8.64
CA VAL A 30 10.34 -10.21 -9.61
C VAL A 30 11.01 -8.90 -9.25
N LEU A 31 11.09 -8.02 -10.23
CA LEU A 31 11.66 -6.70 -10.00
C LEU A 31 10.47 -5.77 -10.14
N ILE A 32 10.24 -4.95 -9.13
CA ILE A 32 9.14 -4.01 -9.17
C ILE A 32 9.69 -2.61 -9.42
N GLU A 33 9.18 -1.95 -10.44
CA GLU A 33 9.62 -0.61 -10.76
C GLU A 33 8.56 0.40 -10.34
N PHE A 34 8.93 1.29 -9.43
CA PHE A 34 8.02 2.33 -8.97
C PHE A 34 8.20 3.50 -9.94
N ARG A 35 7.24 3.68 -10.85
CA ARG A 35 7.31 4.78 -11.81
C ARG A 35 6.91 6.11 -11.16
N ASP A 36 7.09 7.20 -11.91
CA ASP A 36 6.75 8.52 -11.40
C ASP A 36 5.29 8.89 -11.68
N ASP A 37 4.55 7.95 -12.23
CA ASP A 37 3.13 8.15 -12.51
C ASP A 37 2.39 8.22 -11.18
N ILE A 38 1.48 9.18 -11.08
CA ILE A 38 0.68 9.33 -9.88
C ILE A 38 -0.74 9.48 -10.40
N THR A 39 -1.69 8.79 -9.78
CA THR A 39 -3.06 8.84 -10.25
C THR A 39 -4.09 8.96 -9.14
N ALA A 40 -5.30 9.37 -9.52
CA ALA A 40 -6.40 9.53 -8.57
C ALA A 40 -7.72 9.44 -9.32
N GLY A 41 -8.81 9.38 -8.58
CA GLY A 41 -10.12 9.29 -9.19
C GLY A 41 -10.54 7.86 -9.48
N GLY A 43 -8.96 5.97 -12.53
CA GLY A 43 -7.83 6.88 -12.60
C GLY A 43 -8.07 8.03 -13.57
N ALA A 44 -9.07 8.87 -13.27
CA ALA A 44 -9.40 10.01 -14.11
C ALA A 44 -8.46 11.20 -13.91
N LYS A 45 -7.57 11.12 -12.93
CA LYS A 45 -6.61 12.19 -12.68
C LYS A 45 -5.22 11.61 -12.78
N HIS A 46 -4.36 12.24 -13.58
CA HIS A 46 -3.02 11.73 -13.78
C HIS A 46 -1.94 12.79 -13.97
N ASP A 47 -0.69 12.40 -13.72
CA ASP A 47 0.46 13.27 -13.88
C ASP A 47 1.74 12.50 -13.58
N VAL A 48 2.88 13.05 -13.98
CA VAL A 48 4.17 12.42 -13.75
C VAL A 48 5.00 13.43 -12.98
N LYS A 49 5.36 13.08 -11.75
CA LYS A 49 6.14 13.96 -10.89
C LYS A 49 7.49 13.34 -10.54
N GLN A 50 8.56 14.07 -10.85
CA GLN A 50 9.91 13.59 -10.61
C GLN A 50 10.17 13.30 -9.14
N GLY A 51 10.66 12.09 -8.85
CA GLY A 51 10.96 11.71 -7.49
C GLY A 51 9.88 10.90 -6.78
N LYS A 52 8.73 10.71 -7.43
CA LYS A 52 7.64 9.95 -6.80
C LYS A 52 7.98 8.48 -6.60
N GLY A 53 8.44 7.84 -7.66
CA GLY A 53 8.80 6.43 -7.57
C GLY A 53 9.95 6.23 -6.62
N TYR A 54 10.90 7.17 -6.63
CA TYR A 54 12.05 7.10 -5.75
C TYR A 54 11.57 7.12 -4.31
N LEU A 55 10.77 8.12 -3.96
CA LEU A 55 10.26 8.24 -2.59
C LEU A 55 9.39 7.08 -2.12
N ASN A 56 8.49 6.60 -2.96
CA ASN A 56 7.61 5.50 -2.56
C ASN A 56 8.35 4.18 -2.45
N ALA A 57 9.32 3.96 -3.32
CA ALA A 57 10.12 2.74 -3.27
C ALA A 57 10.92 2.73 -1.97
N LEU A 58 11.50 3.89 -1.64
CA LEU A 58 12.32 4.09 -0.45
C LEU A 58 11.51 3.92 0.84
N ILE A 59 10.34 4.54 0.89
CA ILE A 59 9.46 4.42 2.05
C ILE A 59 8.99 2.97 2.19
N SER A 60 8.52 2.40 1.09
CA SER A 60 8.00 1.05 1.07
C SER A 60 8.99 -0.01 1.54
N SER A 61 10.24 0.12 1.11
CA SER A 61 11.28 -0.82 1.52
C SER A 61 11.49 -0.76 3.02
N LYS A 62 11.51 0.45 3.57
CA LYS A 62 11.72 0.62 5.00
C LYS A 62 10.56 0.03 5.82
N LEU A 63 9.33 0.26 5.36
CA LEU A 63 8.17 -0.24 6.08
C LEU A 63 8.12 -1.76 6.03
N PHE A 64 8.43 -2.34 4.87
CA PHE A 64 8.43 -3.80 4.75
C PHE A 64 9.49 -4.39 5.69
N GLU A 65 10.66 -3.75 5.73
CA GLU A 65 11.73 -4.19 6.61
C GLU A 65 11.24 -4.17 8.06
N ALA A 66 10.52 -3.13 8.42
CA ALA A 66 10.00 -3.01 9.78
C ALA A 66 8.98 -4.11 10.06
N LEU A 67 8.15 -4.41 9.07
CA LEU A 67 7.14 -5.46 9.24
C LEU A 67 7.85 -6.80 9.44
N GLU A 68 8.81 -7.08 8.57
CA GLU A 68 9.56 -8.32 8.66
C GLU A 68 10.20 -8.45 10.04
N GLU A 69 10.65 -7.32 10.60
CA GLU A 69 11.27 -7.33 11.92
C GLU A 69 10.29 -7.67 13.04
N ASN A 70 9.01 -7.41 12.81
CA ASN A 70 7.99 -7.70 13.80
C ASN A 70 7.27 -9.00 13.52
N GLY A 71 7.82 -9.80 12.59
CA GLY A 71 7.22 -11.09 12.26
C GLY A 71 6.26 -11.16 11.10
N VAL A 72 5.90 -10.02 10.51
CA VAL A 72 4.98 -10.04 9.38
C VAL A 72 5.73 -10.51 8.14
N LYS A 73 5.23 -11.55 7.49
CA LYS A 73 5.90 -12.07 6.29
C LYS A 73 5.48 -11.26 5.06
N THR A 74 6.46 -10.69 4.36
CA THR A 74 6.19 -9.89 3.16
C THR A 74 6.92 -10.43 1.94
N HIS A 75 6.67 -9.82 0.78
CA HIS A 75 7.31 -10.25 -0.46
C HIS A 75 8.64 -9.52 -0.68
N TYR A 76 8.98 -8.63 0.24
CA TYR A 76 10.20 -7.83 0.14
C TYR A 76 11.52 -8.59 0.23
N ILE A 77 12.39 -8.37 -0.74
CA ILE A 77 13.72 -8.99 -0.74
C ILE A 77 14.73 -7.89 -0.49
N LYS A 78 14.75 -6.89 -1.36
CA LYS A 78 15.67 -5.77 -1.19
C LYS A 78 15.35 -4.57 -2.07
N TYR A 79 15.96 -3.44 -1.73
CA TYR A 79 15.75 -2.17 -2.44
C TYR A 79 16.96 -1.82 -3.31
N ILE A 80 16.70 -1.43 -4.54
CA ILE A 80 17.75 -1.05 -5.47
C ILE A 80 17.51 0.39 -5.91
N GLU A 81 18.27 1.32 -5.35
CA GLU A 81 18.13 2.74 -5.66
C GLU A 81 18.06 2.94 -7.17
N PRO A 82 17.24 3.90 -7.65
CA PRO A 82 16.39 4.80 -6.86
C PRO A 82 14.94 4.36 -6.65
N ARG A 83 14.37 3.60 -7.59
CA ARG A 83 12.96 3.21 -7.46
C ARG A 83 12.64 1.74 -7.72
N TYR A 84 13.60 0.85 -7.48
CA TYR A 84 13.35 -0.56 -7.73
C TYR A 84 13.27 -1.37 -6.45
N MET A 85 12.57 -2.49 -6.55
CA MET A 85 12.42 -3.40 -5.41
C MET A 85 12.42 -4.84 -5.92
N ILE A 86 13.21 -5.67 -5.28
CA ILE A 86 13.28 -7.08 -5.63
C ILE A 86 12.30 -7.76 -4.69
N ALA A 87 11.30 -8.42 -5.24
CA ALA A 87 10.31 -9.06 -4.39
C ALA A 87 10.06 -10.51 -4.76
N LYS A 88 9.48 -11.24 -3.82
CA LYS A 88 9.14 -12.63 -4.06
C LYS A 88 7.91 -12.57 -4.95
N LYS A 89 7.92 -13.36 -6.01
CA LYS A 89 6.77 -13.39 -6.92
C LYS A 89 5.60 -14.09 -6.25
N VAL A 90 4.44 -13.45 -6.26
CA VAL A 90 3.26 -14.02 -5.64
C VAL A 90 2.08 -13.89 -6.59
N GLU A 91 1.04 -14.65 -6.32
CA GLU A 91 -0.18 -14.59 -7.09
C GLU A 91 -1.10 -13.75 -6.21
N ILE A 92 -1.34 -12.51 -6.62
CA ILE A 92 -2.17 -11.60 -5.84
C ILE A 92 -3.63 -12.02 -5.71
N ILE A 93 -4.15 -11.92 -4.50
CA ILE A 93 -5.55 -12.21 -4.21
C ILE A 93 -6.21 -10.89 -4.62
N PRO A 94 -7.23 -10.93 -5.50
CA PRO A 94 -7.92 -9.71 -5.95
C PRO A 94 -8.78 -8.98 -4.90
N ILE A 95 -8.15 -8.64 -3.77
CA ILE A 95 -8.83 -7.93 -2.68
C ILE A 95 -7.97 -6.80 -2.16
N GLU A 96 -8.55 -5.61 -2.00
CA GLU A 96 -7.81 -4.49 -1.45
C GLU A 96 -8.19 -4.45 0.04
N VAL A 97 -7.22 -4.72 0.90
CA VAL A 97 -7.45 -4.74 2.34
C VAL A 97 -7.22 -3.36 2.93
N ILE A 98 -8.29 -2.74 3.43
CA ILE A 98 -8.18 -1.41 4.00
C ILE A 98 -8.38 -1.40 5.52
N VAL A 99 -7.40 -0.88 6.25
CA VAL A 99 -7.49 -0.78 7.70
C VAL A 99 -7.62 0.71 8.04
N ARG A 100 -8.60 1.07 8.85
CA ARG A 100 -8.83 2.47 9.21
C ARG A 100 -8.78 2.77 10.70
N ASN A 101 -7.98 3.75 11.09
CA ASN A 101 -7.87 4.17 12.48
C ASN A 101 -8.69 5.45 12.69
N ILE A 102 -8.71 6.29 11.66
CA ILE A 102 -9.45 7.54 11.66
C ILE A 102 -10.43 7.53 10.46
N ALA A 103 -11.65 8.01 10.67
CA ALA A 103 -12.63 8.03 9.59
C ALA A 103 -12.20 9.01 8.48
N ALA A 104 -12.18 8.53 7.25
CA ALA A 104 -11.78 9.35 6.11
C ALA A 104 -12.12 8.64 4.81
N GLY A 105 -11.94 9.34 3.70
CA GLY A 105 -12.22 8.76 2.40
C GLY A 105 -13.64 8.30 2.22
N SER A 106 -13.80 7.12 1.63
CA SER A 106 -15.13 6.55 1.37
C SER A 106 -15.94 6.27 2.63
N LEU A 107 -15.28 5.95 3.73
CA LEU A 107 -16.00 5.65 4.97
C LEU A 107 -16.93 6.80 5.33
N CYS A 108 -16.40 8.02 5.32
CA CYS A 108 -17.17 9.22 5.64
C CYS A 108 -18.19 9.56 4.56
N ARG A 109 -17.88 9.15 3.34
CA ARG A 109 -18.74 9.37 2.19
C ARG A 109 -19.94 8.42 2.18
N ARG A 110 -19.72 7.17 2.56
CA ARG A 110 -20.78 6.17 2.53
C ARG A 110 -21.59 5.99 3.80
N TYR A 111 -21.04 6.40 4.94
CA TYR A 111 -21.72 6.24 6.23
C TYR A 111 -21.59 7.52 7.04
N PRO A 112 -22.48 7.69 8.03
CA PRO A 112 -22.42 8.90 8.85
C PRO A 112 -21.28 8.94 9.88
N PHE A 113 -20.05 8.99 9.39
CA PHE A 113 -18.86 9.09 10.24
C PHE A 113 -18.32 10.51 10.05
N GLU A 114 -17.90 11.13 11.15
CA GLU A 114 -17.34 12.48 11.08
C GLU A 114 -15.90 12.38 10.62
N GLU A 115 -15.54 13.18 9.62
CA GLU A 115 -14.17 13.16 9.10
C GLU A 115 -13.16 13.50 10.18
N GLY A 116 -12.06 12.76 10.22
CA GLY A 116 -11.02 13.03 11.19
C GLY A 116 -11.28 12.44 12.56
N LYS A 117 -12.47 11.87 12.74
CA LYS A 117 -12.81 11.29 14.04
C LYS A 117 -12.08 9.97 14.26
N GLU A 118 -11.59 9.78 15.48
CA GLU A 118 -10.88 8.57 15.86
C GLU A 118 -11.91 7.45 15.99
N LEU A 119 -11.68 6.34 15.30
CA LEU A 119 -12.58 5.20 15.35
C LEU A 119 -12.40 4.41 16.64
N PRO A 120 -13.48 3.82 17.17
CA PRO A 120 -13.36 3.04 18.42
C PRO A 120 -12.36 1.88 18.33
N PHE A 121 -12.12 1.41 17.12
CA PHE A 121 -11.19 0.31 16.91
C PHE A 121 -10.82 0.29 15.43
N PRO A 122 -9.70 -0.34 15.08
CA PRO A 122 -9.30 -0.39 13.67
C PRO A 122 -10.34 -1.12 12.81
N ILE A 123 -11.01 -0.38 11.93
CA ILE A 123 -12.00 -0.99 11.05
C ILE A 123 -11.25 -1.62 9.89
N VAL A 124 -11.62 -2.85 9.55
CA VAL A 124 -11.01 -3.57 8.43
C VAL A 124 -12.09 -3.74 7.35
N GLN A 125 -11.74 -3.31 6.14
CA GLN A 125 -12.66 -3.36 5.03
C GLN A 125 -12.03 -4.08 3.84
N PHE A 126 -12.76 -5.01 3.25
CA PHE A 126 -12.26 -5.75 2.09
C PHE A 126 -12.99 -5.28 0.83
N ASP A 127 -12.24 -4.70 -0.10
CA ASP A 127 -12.81 -4.22 -1.35
C ASP A 127 -12.40 -5.20 -2.45
N TYR A 128 -13.34 -5.52 -3.33
CA TYR A 128 -13.05 -6.43 -4.42
C TYR A 128 -12.27 -5.64 -5.47
N LYS A 129 -11.10 -6.14 -5.85
CA LYS A 129 -10.29 -5.44 -6.85
C LYS A 129 -10.77 -5.88 -8.22
N ASN A 130 -11.68 -5.10 -8.78
CA ASN A 130 -12.26 -5.42 -10.09
C ASN A 130 -12.75 -4.11 -10.71
N ASP A 131 -12.03 -3.64 -11.71
CA ASP A 131 -12.35 -2.39 -12.38
C ASP A 131 -13.74 -2.39 -13.01
N GLU A 132 -14.05 -3.45 -13.75
CA GLU A 132 -15.35 -3.58 -14.40
C GLU A 132 -16.50 -3.28 -13.44
N TYR A 133 -16.38 -3.78 -12.20
CA TYR A 133 -17.43 -3.58 -11.21
C TYR A 133 -17.20 -2.41 -10.27
N GLY A 134 -16.16 -1.62 -10.54
CA GLY A 134 -15.87 -0.47 -9.70
C GLY A 134 -15.38 -0.75 -8.30
N ASP A 135 -14.62 -1.83 -8.12
CA ASP A 135 -14.08 -2.19 -6.81
C ASP A 135 -15.11 -2.08 -5.69
N PRO A 136 -16.17 -2.89 -5.75
CA PRO A 136 -17.20 -2.85 -4.71
C PRO A 136 -16.71 -3.45 -3.39
N MET A 137 -17.19 -2.90 -2.28
CA MET A 137 -16.82 -3.43 -0.98
C MET A 137 -17.42 -4.82 -0.88
N LEU A 138 -16.76 -5.69 -0.13
CA LEU A 138 -17.22 -7.06 0.04
C LEU A 138 -17.49 -7.38 1.49
N ASN A 139 -18.18 -8.48 1.72
CA ASN A 139 -18.35 -8.98 3.07
C ASN A 139 -17.79 -10.38 2.92
N GLU A 140 -17.53 -11.08 4.02
CA GLU A 140 -16.95 -12.40 3.97
C GLU A 140 -17.73 -13.37 3.11
N ASP A 141 -19.04 -13.43 3.28
CA ASP A 141 -19.84 -14.35 2.49
C ASP A 141 -19.67 -14.11 1.00
N ILE A 142 -19.71 -12.84 0.58
CA ILE A 142 -19.58 -12.50 -0.83
C ILE A 142 -18.23 -12.97 -1.36
N ALA A 143 -17.16 -12.60 -0.64
CA ALA A 143 -15.81 -12.98 -1.05
C ALA A 143 -15.68 -14.50 -1.23
N VAL A 144 -16.19 -15.28 -0.27
CA VAL A 144 -16.11 -16.73 -0.37
C VAL A 144 -16.95 -17.23 -1.56
N ALA A 145 -18.19 -16.77 -1.66
CA ALA A 145 -19.07 -17.17 -2.77
C ALA A 145 -18.47 -16.87 -4.14
N LEU A 146 -17.69 -15.80 -4.23
CA LEU A 146 -17.05 -15.41 -5.48
C LEU A 146 -15.84 -16.29 -5.74
N GLY A 147 -15.40 -17.02 -4.71
CA GLY A 147 -14.25 -17.88 -4.82
C GLY A 147 -12.94 -17.12 -4.76
N LEU A 148 -12.96 -15.93 -4.16
CA LEU A 148 -11.76 -15.12 -4.09
C LEU A 148 -10.75 -15.71 -3.10
N ALA A 149 -11.25 -16.34 -2.05
CA ALA A 149 -10.41 -16.96 -1.03
C ALA A 149 -11.30 -17.72 -0.05
N THR A 150 -10.71 -18.60 0.73
CA THR A 150 -11.47 -19.39 1.70
C THR A 150 -11.73 -18.54 2.94
N ARG A 151 -12.67 -18.96 3.77
CA ARG A 151 -12.96 -18.19 4.97
C ARG A 151 -11.73 -18.14 5.85
N GLU A 152 -11.02 -19.27 5.95
CA GLU A 152 -9.82 -19.31 6.78
C GLU A 152 -8.80 -18.30 6.29
N GLU A 153 -8.66 -18.19 4.97
CA GLU A 153 -7.72 -17.23 4.41
C GLU A 153 -8.14 -15.80 4.68
N LEU A 154 -9.41 -15.50 4.42
CA LEU A 154 -9.92 -14.17 4.64
C LEU A 154 -9.65 -13.71 6.07
N ASN A 155 -9.87 -14.59 7.05
CA ASN A 155 -9.64 -14.23 8.43
C ASN A 155 -8.15 -14.09 8.71
N LYS A 156 -7.33 -14.94 8.11
CA LYS A 156 -5.89 -14.83 8.29
C LYS A 156 -5.46 -13.47 7.71
N ILE A 157 -6.05 -13.07 6.58
CA ILE A 157 -5.74 -11.80 5.94
C ILE A 157 -6.07 -10.68 6.91
N LYS A 158 -7.22 -10.77 7.57
CA LYS A 158 -7.62 -9.73 8.52
C LYS A 158 -6.63 -9.65 9.68
N GLU A 159 -6.19 -10.81 10.16
CA GLU A 159 -5.24 -10.87 11.27
C GLU A 159 -3.93 -10.21 10.84
N ILE A 160 -3.49 -10.51 9.62
CA ILE A 160 -2.25 -9.92 9.12
C ILE A 160 -2.42 -8.39 9.04
N ALA A 161 -3.55 -7.95 8.49
CA ALA A 161 -3.84 -6.52 8.33
C ALA A 161 -3.72 -5.80 9.67
N LEU A 162 -4.39 -6.32 10.69
CA LEU A 162 -4.35 -5.71 12.01
C LEU A 162 -2.95 -5.69 12.62
N LYS A 163 -2.15 -6.72 12.34
CA LYS A 163 -0.77 -6.77 12.85
C LYS A 163 0.04 -5.68 12.15
N VAL A 164 -0.15 -5.58 10.84
CA VAL A 164 0.51 -4.56 10.05
C VAL A 164 0.16 -3.20 10.65
N ASN A 165 -1.11 -3.00 10.99
CA ASN A 165 -1.59 -1.73 11.56
C ASN A 165 -0.90 -1.38 12.87
N GLU A 166 -0.84 -2.32 13.79
CA GLU A 166 -0.20 -2.05 15.07
C GLU A 166 1.27 -1.68 14.90
N VAL A 167 1.97 -2.34 13.99
CA VAL A 167 3.37 -2.02 13.78
C VAL A 167 3.55 -0.65 13.12
N LEU A 168 2.86 -0.42 12.02
CA LEU A 168 2.99 0.85 11.31
C LEU A 168 2.49 2.05 12.11
N LYS A 169 1.34 1.90 12.78
CA LYS A 169 0.78 2.99 13.55
C LYS A 169 1.73 3.47 14.63
N LYS A 170 2.32 2.52 15.36
CA LYS A 170 3.26 2.85 16.43
C LYS A 170 4.49 3.53 15.85
N LEU A 171 4.97 3.03 14.72
CA LEU A 171 6.14 3.59 14.06
C LEU A 171 5.94 5.05 13.64
N PHE A 172 4.93 5.31 12.83
CA PHE A 172 4.67 6.67 12.38
C PHE A 172 4.37 7.62 13.54
N ASP A 173 3.61 7.13 14.51
CA ASP A 173 3.27 7.96 15.67
C ASP A 173 4.53 8.44 16.39
N GLU A 174 5.54 7.57 16.42
CA GLU A 174 6.80 7.93 17.07
C GLU A 174 7.53 8.97 16.22
N LYS A 175 7.19 9.04 14.94
CA LYS A 175 7.80 10.00 14.04
C LYS A 175 6.87 11.19 13.80
N GLY A 176 5.94 11.41 14.73
CA GLY A 176 5.02 12.54 14.61
C GLY A 176 4.02 12.45 13.47
N ILE A 177 3.70 11.23 13.05
CA ILE A 177 2.75 11.02 11.98
C ILE A 177 1.55 10.20 12.43
N ILE A 178 0.37 10.59 11.97
CA ILE A 178 -0.86 9.89 12.29
C ILE A 178 -1.22 8.99 11.11
N LEU A 179 -1.25 7.67 11.34
CA LEU A 179 -1.62 6.74 10.29
C LEU A 179 -3.16 6.70 10.31
N VAL A 180 -3.78 7.41 9.37
CA VAL A 180 -5.24 7.48 9.28
C VAL A 180 -5.82 6.15 8.83
N ASP A 181 -5.27 5.61 7.75
CA ASP A 181 -5.68 4.32 7.19
C ASP A 181 -4.65 3.88 6.14
N PHE A 182 -4.81 2.67 5.61
CA PHE A 182 -3.90 2.18 4.60
C PHE A 182 -4.50 1.01 3.86
N LYS A 183 -4.00 0.78 2.65
CA LYS A 183 -4.49 -0.31 1.83
C LYS A 183 -3.33 -1.24 1.48
N ILE A 184 -3.50 -2.53 1.76
CA ILE A 184 -2.47 -3.49 1.42
C ILE A 184 -3.05 -4.56 0.52
N GLU A 185 -2.16 -5.29 -0.15
CA GLU A 185 -2.59 -6.37 -1.01
C GLU A 185 -1.83 -7.60 -0.55
N ILE A 186 -2.49 -8.75 -0.62
CA ILE A 186 -1.85 -9.97 -0.21
C ILE A 186 -1.81 -10.96 -1.38
N GLY A 187 -0.71 -11.72 -1.43
CA GLY A 187 -0.55 -12.71 -2.47
C GLY A 187 0.07 -13.97 -1.89
N LYS A 188 -0.02 -15.08 -2.61
CA LYS A 188 0.56 -16.35 -2.17
C LYS A 188 1.83 -16.65 -2.94
N ASP A 189 2.90 -17.01 -2.24
CA ASP A 189 4.14 -17.34 -2.94
C ASP A 189 4.02 -18.76 -3.49
N ARG A 190 5.10 -19.27 -4.08
CA ARG A 190 5.09 -20.61 -4.66
C ARG A 190 4.70 -21.69 -3.65
N GLU A 191 4.95 -21.42 -2.38
CA GLU A 191 4.65 -22.36 -1.31
C GLU A 191 3.27 -22.16 -0.68
N GLY A 192 2.47 -21.27 -1.27
CA GLY A 192 1.14 -21.03 -0.73
C GLY A 192 1.10 -20.14 0.49
N ASN A 193 2.22 -19.53 0.85
CA ASN A 193 2.29 -18.64 2.00
C ASN A 193 1.64 -17.29 1.68
N LEU A 194 0.88 -16.77 2.65
CA LEU A 194 0.21 -15.48 2.50
C LEU A 194 1.18 -14.34 2.84
N LEU A 195 1.54 -13.56 1.84
CA LEU A 195 2.48 -12.46 2.05
C LEU A 195 1.91 -11.09 1.70
N VAL A 196 2.26 -10.11 2.51
CA VAL A 196 1.86 -8.74 2.25
C VAL A 196 2.70 -8.38 1.03
N ALA A 197 2.05 -8.07 -0.08
CA ALA A 197 2.77 -7.73 -1.30
C ALA A 197 2.63 -6.26 -1.65
N ASP A 198 2.65 -6.00 -2.96
CA ASP A 198 2.52 -4.64 -3.49
C ASP A 198 3.42 -3.63 -2.79
N GLU A 199 2.85 -2.54 -2.29
CA GLU A 199 3.64 -1.51 -1.62
C GLU A 199 2.91 -0.90 -0.43
N ILE A 200 3.67 -0.21 0.42
CA ILE A 200 3.15 0.48 1.60
C ILE A 200 3.83 1.83 1.47
N SER A 201 3.12 2.82 0.93
CA SER A 201 3.70 4.15 0.74
C SER A 201 2.65 5.23 0.84
N PRO A 202 3.07 6.50 0.71
CA PRO A 202 2.14 7.65 0.76
C PRO A 202 1.06 7.53 -0.31
N ASP A 203 1.26 6.63 -1.26
CA ASP A 203 0.28 6.39 -2.32
C ASP A 203 -0.84 5.47 -1.80
N THR A 204 -0.49 4.64 -0.83
CA THR A 204 -1.43 3.67 -0.28
C THR A 204 -1.81 3.88 1.19
N MET A 205 -1.39 5.00 1.75
CA MET A 205 -1.70 5.30 3.15
C MET A 205 -2.11 6.75 3.26
N ARG A 206 -2.99 7.05 4.20
CA ARG A 206 -3.36 8.43 4.46
C ARG A 206 -2.52 8.70 5.71
N LEU A 207 -1.68 9.73 5.64
CA LEU A 207 -0.79 10.10 6.73
C LEU A 207 -0.95 11.60 7.03
N TRP A 208 -1.18 11.93 8.29
CA TRP A 208 -1.34 13.33 8.68
C TRP A 208 -0.29 13.71 9.71
N ASP A 209 0.20 14.94 9.65
CA ASP A 209 1.17 15.36 10.63
C ASP A 209 0.45 15.39 11.97
N LYS A 210 1.05 14.83 12.99
CA LYS A 210 0.43 14.76 14.31
C LYS A 210 -0.04 16.13 14.85
N GLU A 211 0.83 17.13 14.77
CA GLU A 211 0.50 18.47 15.27
C GLU A 211 -0.51 19.29 14.49
N THR A 212 -0.18 19.56 13.23
CA THR A 212 -1.01 20.38 12.36
C THR A 212 -2.08 19.60 11.61
N ARG A 213 -1.83 18.31 11.45
CA ARG A 213 -2.72 17.40 10.73
C ARG A 213 -2.70 17.72 9.24
N ASP A 214 -1.60 18.30 8.79
CA ASP A 214 -1.43 18.60 7.37
C ASP A 214 -1.38 17.25 6.65
N VAL A 215 -1.89 17.20 5.43
CA VAL A 215 -1.91 15.95 4.69
C VAL A 215 -0.53 15.68 4.06
N LEU A 216 -0.03 14.46 4.23
CA LEU A 216 1.27 14.09 3.68
C LEU A 216 1.17 12.97 2.65
N ASP A 217 -0.04 12.53 2.35
CA ASP A 217 -0.21 11.43 1.39
C ASP A 217 -0.77 11.86 0.04
N LYS A 218 -1.06 10.88 -0.80
CA LYS A 218 -1.58 11.16 -2.13
C LYS A 218 -2.83 12.04 -2.17
N ASP A 219 -3.47 12.25 -1.01
CA ASP A 219 -4.64 13.10 -0.98
C ASP A 219 -4.31 14.56 -1.37
N VAL A 220 -3.05 14.97 -1.20
CA VAL A 220 -2.71 16.34 -1.57
C VAL A 220 -2.74 16.47 -3.09
N PHE A 221 -2.45 15.37 -3.79
CA PHE A 221 -2.50 15.38 -5.23
C PHE A 221 -3.95 15.33 -5.71
N ARG A 222 -4.72 14.36 -5.21
CA ARG A 222 -6.11 14.26 -5.64
C ARG A 222 -6.96 15.45 -5.22
N LYS A 223 -6.55 16.15 -4.16
CA LYS A 223 -7.29 17.31 -3.70
C LYS A 223 -6.51 18.61 -3.89
N ASP A 224 -5.43 18.55 -4.66
CA ASP A 224 -4.59 19.72 -4.92
C ASP A 224 -4.41 20.52 -3.64
N LEU A 225 -3.68 19.95 -2.68
CA LEU A 225 -3.46 20.65 -1.42
C LEU A 225 -2.11 21.35 -1.41
N GLY A 226 -1.24 21.00 -2.34
CA GLY A 226 0.07 21.62 -2.40
C GLY A 226 1.12 20.76 -3.07
N ASP A 227 2.34 20.82 -2.58
CA ASP A 227 3.45 20.07 -3.16
C ASP A 227 3.45 18.61 -2.65
N VAL A 228 2.82 17.73 -3.41
CA VAL A 228 2.72 16.32 -3.04
C VAL A 228 4.06 15.66 -2.79
N ILE A 229 4.99 15.83 -3.72
CA ILE A 229 6.30 15.24 -3.58
C ILE A 229 7.08 15.79 -2.39
N ALA A 230 6.88 17.08 -2.11
CA ALA A 230 7.56 17.72 -0.98
C ALA A 230 7.03 17.14 0.32
N LYS A 231 5.75 16.75 0.32
CA LYS A 231 5.13 16.16 1.51
C LYS A 231 5.57 14.70 1.59
N TYR A 232 5.61 14.03 0.44
CA TYR A 232 6.07 12.64 0.40
C TYR A 232 7.47 12.61 0.99
N ARG A 233 8.27 13.62 0.64
CA ARG A 233 9.64 13.68 1.13
C ARG A 233 9.67 13.87 2.64
N ILE A 234 8.67 14.55 3.18
CA ILE A 234 8.60 14.76 4.61
C ILE A 234 8.52 13.41 5.30
N VAL A 235 7.74 12.50 4.69
CA VAL A 235 7.57 11.16 5.23
C VAL A 235 8.92 10.45 5.26
N ALA A 236 9.65 10.53 4.15
CA ALA A 236 10.97 9.91 4.06
C ALA A 236 11.86 10.47 5.16
N GLU A 237 11.87 11.79 5.28
CA GLU A 237 12.66 12.47 6.32
C GLU A 237 12.29 11.99 7.71
N ARG A 238 10.99 11.95 8.01
CA ARG A 238 10.51 11.51 9.32
C ARG A 238 10.98 10.09 9.65
N LEU A 239 11.00 9.23 8.64
CA LEU A 239 11.43 7.85 8.82
C LEU A 239 12.96 7.72 8.80
N GLY A 240 13.65 8.86 8.75
CA GLY A 240 15.09 8.87 8.73
C GLY A 240 15.71 8.18 7.52
N LEU A 241 15.07 8.33 6.36
CA LEU A 241 15.56 7.70 5.15
C LEU A 241 16.32 8.63 4.22
N LEU A 242 16.46 9.90 4.60
CA LEU A 242 17.17 10.86 3.77
C LEU A 242 18.44 11.44 4.40
S SO4 B . -18.20 -9.23 7.48
O1 SO4 B . -19.17 -10.39 7.25
O2 SO4 B . -19.09 -8.09 7.99
O3 SO4 B . -17.23 -9.63 8.46
O4 SO4 B . -17.62 -8.82 6.21
S SO4 C . -10.83 4.96 0.41
O1 SO4 C . -11.01 3.49 0.12
O2 SO4 C . -10.91 5.06 1.92
O3 SO4 C . -9.55 5.37 -0.02
O4 SO4 C . -11.91 5.68 -0.16
PB ADP D . -2.63 -1.32 -10.68
O1B ADP D . -1.87 -2.40 -11.32
O2B ADP D . -2.25 0.23 -10.76
O3B ADP D . -3.61 -1.71 -9.46
PA ADP D . -0.05 -0.61 -9.79
O1A ADP D . 0.90 -0.56 -8.66
O2A ADP D . 0.36 -0.23 -11.29
O3A ADP D . -1.43 -1.51 -9.54
O5' ADP D . 0.70 -2.00 -10.24
C5' ADP D . 0.81 -2.96 -9.16
C4' ADP D . 0.51 -4.35 -9.72
O4' ADP D . 1.61 -5.26 -9.41
C3' ADP D . -0.76 -4.93 -9.11
O3' ADP D . -1.60 -5.47 -10.13
C2' ADP D . -0.24 -5.98 -8.13
O2' ADP D . -1.20 -7.02 -7.94
C1' ADP D . 1.06 -6.45 -8.79
N9 ADP D . 2.03 -7.00 -7.81
C8 ADP D . 2.41 -6.46 -6.61
N7 ADP D . 3.31 -7.21 -6.03
C5 ADP D . 3.54 -8.31 -6.79
C6 ADP D . 4.36 -9.47 -6.69
N6 ADP D . 5.34 -9.58 -5.73
N1 ADP D . 4.15 -10.49 -7.56
C2 ADP D . 3.41 -10.31 -8.67
N3 ADP D . 2.80 -9.15 -8.91
C4 ADP D . 2.74 -8.17 -7.97
#